data_7ZHE
#
_entry.id   7ZHE
#
_cell.length_a   121.340
_cell.length_b   121.340
_cell.length_c   108.400
_cell.angle_alpha   90.000
_cell.angle_beta   90.000
_cell.angle_gamma   120.000
#
_symmetry.space_group_name_H-M   'H 3 2'
#
loop_
_entity.id
_entity.type
_entity.pdbx_description
1 polymer 'Transcription activator effector binding'
2 non-polymer GLYCEROL
3 non-polymer 'SODIUM ION'
4 water water
#
_entity_poly.entity_id   1
_entity_poly.type   'polypeptide(L)'
_entity_poly.pdbx_seq_one_letter_code
;GSHMASMNYEIEVKDVEPIRVAFMHYKGPAAGASKVMPNVFKSIQGKANGAPFICYYVMDQQTMTGEMDLCVPTAENPVG
NGIAVKDMPRIKAISATHIGPYETMQPVYEAIESYAREKNLILQPPFREVFIKGPGMILKGNPNKYITEVLFPIKEEC
;
_entity_poly.pdbx_strand_id   A
#
loop_
_chem_comp.id
_chem_comp.type
_chem_comp.name
_chem_comp.formula
GOL non-polymer GLYCEROL 'C3 H8 O3'
NA non-polymer 'SODIUM ION' 'Na 1'
#
# COMPACT_ATOMS: atom_id res chain seq x y z
N HIS A 3 9.08 18.30 -16.86
CA HIS A 3 9.24 17.52 -18.14
C HIS A 3 9.71 16.07 -17.88
N MET A 4 10.26 15.79 -16.69
CA MET A 4 10.63 14.41 -16.26
C MET A 4 9.62 13.94 -15.21
N ALA A 5 9.08 12.74 -15.38
CA ALA A 5 8.20 12.10 -14.37
C ALA A 5 8.54 10.59 -14.35
N SER A 6 8.87 10.11 -13.13
CA SER A 6 9.06 8.68 -12.77
C SER A 6 10.13 8.01 -13.65
N MET A 7 11.13 8.76 -14.10
CA MET A 7 12.42 8.18 -14.60
C MET A 7 13.04 7.42 -13.44
N ASN A 8 13.16 8.08 -12.29
CA ASN A 8 13.62 7.52 -10.99
C ASN A 8 12.37 7.21 -10.15
N TYR A 9 12.53 6.94 -8.85
CA TYR A 9 11.42 6.54 -7.94
C TYR A 9 10.69 7.76 -7.39
N GLU A 10 11.10 8.98 -7.78
CA GLU A 10 10.43 10.25 -7.37
C GLU A 10 10.28 10.28 -5.85
N ILE A 11 11.36 10.00 -5.13
CA ILE A 11 11.36 9.86 -3.65
C ILE A 11 11.23 11.25 -3.02
N GLU A 12 10.22 11.42 -2.15
CA GLU A 12 9.95 12.67 -1.40
C GLU A 12 9.29 12.31 -0.08
N VAL A 13 9.31 13.24 0.87
CA VAL A 13 8.56 13.12 2.16
C VAL A 13 7.18 13.75 1.93
N LYS A 14 6.11 13.02 2.26
CA LYS A 14 4.70 13.44 2.07
C LYS A 14 3.97 13.41 3.42
N ASP A 15 3.08 14.37 3.64
CA ASP A 15 2.08 14.34 4.73
C ASP A 15 0.83 13.66 4.17
N VAL A 16 0.48 12.48 4.68
CA VAL A 16 -0.70 11.69 4.24
C VAL A 16 -1.75 11.80 5.34
N GLU A 17 -2.89 12.44 5.03
CA GLU A 17 -3.95 12.67 6.03
C GLU A 17 -4.65 11.33 6.29
N PRO A 18 -5.42 11.21 7.38
CA PRO A 18 -6.13 9.97 7.69
C PRO A 18 -7.06 9.58 6.53
N ILE A 19 -7.22 8.27 6.30
CA ILE A 19 -8.06 7.71 5.19
C ILE A 19 -9.05 6.72 5.79
N ARG A 20 -10.36 6.96 5.60
CA ARG A 20 -11.43 5.99 5.95
C ARG A 20 -11.38 4.84 4.95
N VAL A 21 -11.17 3.62 5.44
CA VAL A 21 -11.05 2.40 4.60
C VAL A 21 -12.00 1.32 5.11
N ALA A 22 -12.58 0.55 4.19
CA ALA A 22 -13.06 -0.82 4.44
C ALA A 22 -11.83 -1.72 4.35
N PHE A 23 -11.68 -2.67 5.27
CA PHE A 23 -10.47 -3.51 5.34
C PHE A 23 -10.79 -4.90 5.90
N MET A 24 -9.91 -5.83 5.55
CA MET A 24 -9.79 -7.19 6.13
C MET A 24 -8.35 -7.32 6.63
N HIS A 25 -8.16 -7.67 7.90
CA HIS A 25 -6.85 -8.09 8.44
C HIS A 25 -6.54 -9.48 7.89
N TYR A 26 -5.37 -9.67 7.28
CA TYR A 26 -4.95 -10.94 6.66
C TYR A 26 -3.57 -11.34 7.18
N LYS A 27 -3.41 -12.62 7.50
CA LYS A 27 -2.12 -13.25 7.87
C LYS A 27 -1.96 -14.52 7.03
N GLY A 28 -0.85 -14.66 6.33
CA GLY A 28 -0.53 -15.86 5.52
C GLY A 28 0.28 -15.52 4.29
N PRO A 29 0.33 -16.42 3.29
CA PRO A 29 1.08 -16.17 2.06
C PRO A 29 0.57 -14.93 1.33
N ALA A 30 1.47 -14.00 1.01
CA ALA A 30 1.19 -12.78 0.20
C ALA A 30 0.31 -13.17 -1.00
N ALA A 31 0.44 -14.42 -1.46
CA ALA A 31 -0.38 -15.05 -2.53
C ALA A 31 -1.87 -14.99 -2.20
N GLY A 32 -2.26 -15.46 -1.01
CA GLY A 32 -3.67 -15.67 -0.61
C GLY A 32 -4.43 -14.39 -0.30
N ALA A 33 -3.77 -13.23 -0.39
CA ALA A 33 -4.35 -11.90 -0.11
C ALA A 33 -5.29 -11.48 -1.25
N SER A 34 -4.93 -11.77 -2.50
CA SER A 34 -5.70 -11.41 -3.72
C SER A 34 -7.08 -12.06 -3.72
N LYS A 35 -7.24 -13.17 -3.01
CA LYS A 35 -8.53 -13.87 -2.81
C LYS A 35 -9.44 -13.02 -1.91
N VAL A 36 -8.86 -12.15 -1.08
CA VAL A 36 -9.57 -11.34 -0.05
C VAL A 36 -9.93 -9.96 -0.61
N MET A 37 -8.97 -9.27 -1.24
CA MET A 37 -9.08 -7.85 -1.66
C MET A 37 -10.39 -7.62 -2.42
N PRO A 38 -10.86 -8.56 -3.27
CA PRO A 38 -12.20 -8.46 -3.87
C PRO A 38 -13.39 -8.51 -2.90
N ASN A 39 -13.30 -9.28 -1.80
CA ASN A 39 -14.34 -9.36 -0.75
C ASN A 39 -14.56 -7.97 -0.13
N VAL A 40 -13.48 -7.20 0.00
CA VAL A 40 -13.51 -5.81 0.54
C VAL A 40 -14.33 -4.93 -0.42
N PHE A 41 -14.03 -4.98 -1.71
CA PHE A 41 -14.72 -4.20 -2.78
C PHE A 41 -16.22 -4.52 -2.81
N LYS A 42 -16.57 -5.81 -2.70
CA LYS A 42 -17.97 -6.30 -2.78
C LYS A 42 -18.75 -5.82 -1.55
N SER A 43 -18.13 -5.80 -0.37
CA SER A 43 -18.75 -5.39 0.91
C SER A 43 -19.25 -3.94 0.83
N ILE A 44 -18.61 -3.10 0.00
CA ILE A 44 -18.89 -1.64 -0.12
C ILE A 44 -19.44 -1.34 -1.53
N GLN A 45 -20.06 -2.34 -2.17
CA GLN A 45 -20.74 -2.21 -3.49
C GLN A 45 -19.77 -1.65 -4.54
N GLY A 46 -18.47 -1.89 -4.38
CA GLY A 46 -17.41 -1.43 -5.28
C GLY A 46 -17.29 0.09 -5.32
N LYS A 47 -17.74 0.80 -4.28
CA LYS A 47 -17.71 2.29 -4.21
C LYS A 47 -16.46 2.74 -3.43
N ALA A 48 -15.30 2.58 -4.05
CA ALA A 48 -14.00 3.12 -3.59
C ALA A 48 -13.96 4.61 -3.90
N ASN A 49 -13.38 5.44 -3.03
CA ASN A 49 -13.17 6.89 -3.27
C ASN A 49 -11.67 7.20 -3.13
N GLY A 50 -10.82 6.19 -3.36
CA GLY A 50 -9.36 6.31 -3.30
C GLY A 50 -8.69 5.02 -3.74
N ALA A 51 -7.38 5.08 -4.00
CA ALA A 51 -6.56 3.93 -4.45
C ALA A 51 -6.52 2.90 -3.34
N PRO A 52 -6.86 1.62 -3.61
CA PRO A 52 -6.69 0.56 -2.63
C PRO A 52 -5.21 0.42 -2.26
N PHE A 53 -4.92 -0.04 -1.05
CA PHE A 53 -3.54 -0.26 -0.56
C PHE A 53 -3.51 -1.38 0.47
N ILE A 54 -2.31 -1.92 0.67
CA ILE A 54 -2.00 -2.91 1.73
C ILE A 54 -1.10 -2.22 2.74
N CYS A 55 -1.48 -2.28 4.01
CA CYS A 55 -0.65 -1.84 5.17
C CYS A 55 0.02 -3.08 5.76
N TYR A 56 1.35 -3.15 5.72
CA TYR A 56 2.16 -4.31 6.15
C TYR A 56 2.71 -4.07 7.56
N TYR A 57 2.27 -4.89 8.52
CA TYR A 57 2.74 -4.88 9.93
C TYR A 57 3.95 -5.83 10.04
N VAL A 58 3.84 -7.00 9.39
CA VAL A 58 4.89 -8.04 9.32
C VAL A 58 4.97 -8.48 7.86
N MET A 59 6.18 -8.58 7.32
CA MET A 59 6.41 -9.07 5.93
C MET A 59 7.82 -9.66 5.83
N ASP A 60 7.89 -10.94 5.49
CA ASP A 60 9.15 -11.68 5.20
C ASP A 60 9.13 -12.03 3.70
N GLN A 61 9.95 -11.35 2.89
CA GLN A 61 9.99 -11.57 1.42
C GLN A 61 10.79 -12.83 1.08
N GLN A 62 11.52 -13.41 2.05
CA GLN A 62 12.24 -14.70 1.88
C GLN A 62 11.22 -15.86 1.92
N THR A 63 10.21 -15.77 2.80
CA THR A 63 9.09 -16.74 2.91
C THR A 63 7.85 -16.22 2.17
N MET A 64 7.85 -14.94 1.76
CA MET A 64 6.71 -14.23 1.08
C MET A 64 5.40 -14.44 1.85
N THR A 65 5.46 -14.37 3.18
CA THR A 65 4.30 -14.45 4.11
C THR A 65 4.36 -13.24 5.04
N GLY A 66 3.21 -12.78 5.52
CA GLY A 66 3.15 -11.61 6.41
C GLY A 66 1.79 -11.38 7.01
N GLU A 67 1.66 -10.27 7.74
CA GLU A 67 0.43 -9.84 8.42
C GLU A 67 0.15 -8.42 7.96
N MET A 68 -1.07 -8.16 7.48
CA MET A 68 -1.37 -6.93 6.71
C MET A 68 -2.86 -6.61 6.79
N ASP A 69 -3.19 -5.33 6.58
CA ASP A 69 -4.57 -4.84 6.32
C ASP A 69 -4.71 -4.62 4.81
N LEU A 70 -5.71 -5.26 4.22
CA LEU A 70 -6.13 -5.08 2.81
C LEU A 70 -7.23 -4.00 2.79
N CYS A 71 -6.89 -2.81 2.29
CA CYS A 71 -7.68 -1.56 2.49
C CYS A 71 -8.22 -1.03 1.17
N VAL A 72 -9.48 -0.60 1.18
CA VAL A 72 -10.15 0.14 0.07
C VAL A 72 -10.75 1.42 0.67
N PRO A 73 -10.18 2.61 0.35
CA PRO A 73 -10.79 3.87 0.78
C PRO A 73 -12.26 3.92 0.31
N THR A 74 -13.19 4.27 1.21
CA THR A 74 -14.65 4.29 0.92
C THR A 74 -15.36 5.19 1.92
N ALA A 75 -16.53 5.70 1.53
CA ALA A 75 -17.49 6.43 2.41
C ALA A 75 -18.56 5.44 2.89
N GLU A 76 -18.58 4.22 2.37
CA GLU A 76 -19.71 3.26 2.54
C GLU A 76 -19.59 2.49 3.86
N ASN A 77 -20.71 1.96 4.31
CA ASN A 77 -20.78 0.96 5.41
C ASN A 77 -20.68 -0.43 4.78
N PRO A 78 -19.77 -1.31 5.26
CA PRO A 78 -19.58 -2.61 4.64
C PRO A 78 -20.72 -3.59 4.99
N VAL A 79 -21.15 -4.40 4.02
CA VAL A 79 -22.15 -5.49 4.20
C VAL A 79 -21.42 -6.82 3.98
N GLY A 80 -21.81 -7.87 4.73
CA GLY A 80 -21.14 -9.18 4.71
C GLY A 80 -19.93 -9.18 5.63
N ASN A 81 -20.03 -9.91 6.75
CA ASN A 81 -19.09 -9.82 7.91
C ASN A 81 -17.68 -10.25 7.48
N GLY A 82 -16.71 -10.02 8.36
CA GLY A 82 -15.27 -10.08 8.05
C GLY A 82 -14.73 -8.69 7.74
N ILE A 83 -15.48 -7.88 6.99
CA ILE A 83 -15.05 -6.51 6.57
C ILE A 83 -15.46 -5.51 7.63
N ALA A 84 -14.51 -4.68 8.08
CA ALA A 84 -14.71 -3.60 9.06
C ALA A 84 -14.27 -2.28 8.41
N VAL A 85 -14.56 -1.16 9.08
CA VAL A 85 -14.11 0.19 8.65
C VAL A 85 -13.30 0.83 9.78
N LYS A 86 -12.19 1.46 9.44
CA LYS A 86 -11.41 2.32 10.36
C LYS A 86 -10.76 3.45 9.55
N ASP A 87 -10.23 4.45 10.25
CA ASP A 87 -9.36 5.49 9.65
C ASP A 87 -7.92 5.02 9.81
N MET A 88 -7.23 4.78 8.69
CA MET A 88 -5.75 4.62 8.69
C MET A 88 -5.18 5.94 9.17
N PRO A 89 -4.21 5.93 10.12
CA PRO A 89 -3.77 7.16 10.76
C PRO A 89 -2.99 8.08 9.82
N ARG A 90 -2.94 9.36 10.18
CA ARG A 90 -2.01 10.36 9.59
C ARG A 90 -0.59 9.78 9.70
N ILE A 91 0.19 9.86 8.63
CA ILE A 91 1.64 9.51 8.62
C ILE A 91 2.40 10.62 7.88
N LYS A 92 3.62 10.89 8.33
CA LYS A 92 4.66 11.59 7.55
C LYS A 92 5.54 10.47 6.99
N ALA A 93 5.58 10.33 5.66
CA ALA A 93 6.11 9.13 4.98
C ALA A 93 7.08 9.51 3.86
N ILE A 94 8.15 8.73 3.71
CA ILE A 94 8.92 8.67 2.44
C ILE A 94 8.02 7.97 1.41
N SER A 95 7.77 8.66 0.30
CA SER A 95 7.01 8.16 -0.87
C SER A 95 7.99 7.76 -1.97
N ALA A 96 7.81 6.58 -2.55
CA ALA A 96 8.54 6.09 -3.74
C ALA A 96 7.51 5.53 -4.73
N THR A 97 7.63 5.90 -6.01
CA THR A 97 6.69 5.47 -7.07
C THR A 97 7.40 4.46 -7.96
N HIS A 98 6.90 3.23 -7.95
CA HIS A 98 7.44 2.08 -8.71
C HIS A 98 6.57 1.81 -9.94
N ILE A 99 7.20 1.59 -11.09
CA ILE A 99 6.55 1.20 -12.38
C ILE A 99 6.90 -0.27 -12.67
N GLY A 100 5.91 -1.10 -13.01
CA GLY A 100 6.10 -2.50 -13.43
C GLY A 100 5.72 -3.52 -12.35
N PRO A 101 6.09 -4.81 -12.53
CA PRO A 101 5.82 -5.88 -11.54
C PRO A 101 6.25 -5.55 -10.10
N TYR A 102 5.38 -5.78 -9.11
CA TYR A 102 5.40 -5.08 -7.79
C TYR A 102 5.55 -6.03 -6.59
N GLU A 103 5.79 -7.34 -6.78
CA GLU A 103 5.67 -8.34 -5.68
C GLU A 103 6.74 -8.09 -4.59
N THR A 104 7.97 -7.69 -4.95
CA THR A 104 9.12 -7.53 -4.01
C THR A 104 9.61 -6.08 -3.99
N MET A 105 10.01 -5.53 -5.15
CA MET A 105 10.46 -4.11 -5.31
C MET A 105 11.66 -3.82 -4.39
N GLN A 106 12.62 -4.74 -4.31
CA GLN A 106 13.79 -4.60 -3.39
C GLN A 106 14.53 -3.30 -3.67
N PRO A 107 14.83 -2.93 -4.94
CA PRO A 107 15.54 -1.68 -5.21
C PRO A 107 14.82 -0.44 -4.67
N VAL A 108 13.49 -0.46 -4.64
CA VAL A 108 12.64 0.66 -4.11
C VAL A 108 12.88 0.78 -2.61
N TYR A 109 12.78 -0.32 -1.87
CA TYR A 109 12.92 -0.35 -0.39
C TYR A 109 14.37 -0.02 -0.02
N GLU A 110 15.34 -0.45 -0.83
CA GLU A 110 16.77 -0.10 -0.60
C GLU A 110 16.96 1.42 -0.80
N ALA A 111 16.37 1.98 -1.85
CA ALA A 111 16.43 3.43 -2.16
C ALA A 111 15.81 4.22 -1.00
N ILE A 112 14.68 3.75 -0.47
CA ILE A 112 13.96 4.39 0.68
C ILE A 112 14.89 4.40 1.90
N GLU A 113 15.50 3.25 2.21
CA GLU A 113 16.41 3.06 3.37
C GLU A 113 17.62 4.01 3.23
N SER A 114 18.23 4.04 2.05
CA SER A 114 19.41 4.89 1.74
C SER A 114 19.04 6.38 1.87
N TYR A 115 17.89 6.76 1.31
CA TYR A 115 17.32 8.14 1.40
C TYR A 115 17.15 8.54 2.87
N ALA A 116 16.51 7.68 3.67
CA ALA A 116 16.23 7.89 5.11
C ALA A 116 17.54 8.20 5.86
N ARG A 117 18.60 7.43 5.60
CA ARG A 117 19.93 7.61 6.23
C ARG A 117 20.54 8.94 5.77
N GLU A 118 20.42 9.26 4.47
CA GLU A 118 20.97 10.50 3.87
C GLU A 118 20.33 11.72 4.53
N LYS A 119 19.00 11.71 4.70
CA LYS A 119 18.21 12.85 5.23
C LYS A 119 18.07 12.77 6.76
N ASN A 120 18.72 11.81 7.41
CA ASN A 120 18.73 11.62 8.88
C ASN A 120 17.27 11.41 9.36
N LEU A 121 16.52 10.57 8.64
CA LEU A 121 15.12 10.19 8.98
C LEU A 121 15.14 8.77 9.56
N ILE A 122 14.25 8.50 10.52
CA ILE A 122 14.08 7.16 11.15
C ILE A 122 12.78 6.56 10.62
N LEU A 123 12.87 5.42 9.92
CA LEU A 123 11.71 4.69 9.35
C LEU A 123 10.89 4.11 10.51
N GLN A 124 9.57 4.11 10.37
CA GLN A 124 8.61 3.62 11.39
C GLN A 124 7.55 2.76 10.69
N PRO A 125 7.67 1.42 10.72
CA PRO A 125 6.59 0.54 10.27
C PRO A 125 5.30 0.89 11.01
N PRO A 126 4.11 0.54 10.47
CA PRO A 126 3.97 -0.22 9.23
C PRO A 126 4.05 0.64 7.96
N PHE A 127 4.44 0.02 6.85
CA PHE A 127 4.54 0.67 5.51
C PHE A 127 3.34 0.24 4.67
N ARG A 128 3.07 1.01 3.63
CA ARG A 128 1.92 0.78 2.70
C ARG A 128 2.44 0.65 1.28
N GLU A 129 1.80 -0.24 0.51
CA GLU A 129 1.89 -0.29 -0.97
C GLU A 129 0.52 0.11 -1.53
N VAL A 130 0.48 1.24 -2.23
CA VAL A 130 -0.75 1.85 -2.82
C VAL A 130 -0.80 1.52 -4.31
N PHE A 131 -1.86 0.83 -4.75
CA PHE A 131 -2.06 0.36 -6.15
C PHE A 131 -2.77 1.49 -6.91
N ILE A 132 -1.98 2.51 -7.28
CA ILE A 132 -2.44 3.76 -7.95
C ILE A 132 -3.14 3.38 -9.26
N LYS A 133 -2.48 2.53 -10.07
CA LYS A 133 -2.85 2.32 -11.49
C LYS A 133 -2.41 0.93 -11.94
N GLY A 134 -2.81 0.58 -13.16
CA GLY A 134 -2.47 -0.69 -13.82
C GLY A 134 -3.42 -0.98 -14.97
N PRO A 135 -3.07 -1.94 -15.86
CA PRO A 135 -3.91 -2.28 -17.01
C PRO A 135 -5.32 -2.79 -16.65
N GLY A 136 -5.59 -3.08 -15.37
CA GLY A 136 -6.91 -3.56 -14.90
C GLY A 136 -7.01 -5.08 -14.99
N MET A 137 -8.19 -5.61 -15.33
CA MET A 137 -8.49 -7.06 -15.27
C MET A 137 -8.50 -7.72 -16.66
N ILE A 138 -8.30 -6.93 -17.74
CA ILE A 138 -8.07 -7.44 -19.12
C ILE A 138 -6.63 -7.13 -19.52
N LEU A 139 -5.72 -8.11 -19.41
CA LEU A 139 -4.24 -7.91 -19.51
C LEU A 139 -3.76 -8.28 -20.92
N PRO A 143 0.83 -4.51 -17.05
CA PRO A 143 1.76 -4.93 -15.98
C PRO A 143 3.09 -4.16 -16.03
N ASN A 144 3.58 -3.87 -17.24
CA ASN A 144 4.62 -2.84 -17.51
C ASN A 144 3.99 -1.45 -17.29
N LYS A 145 2.69 -1.42 -16.99
CA LYS A 145 1.87 -0.20 -16.78
C LYS A 145 1.42 -0.09 -15.31
N TYR A 146 1.74 -1.08 -14.44
CA TYR A 146 1.39 -1.03 -13.00
C TYR A 146 2.16 0.11 -12.34
N ILE A 147 1.47 0.96 -11.60
CA ILE A 147 2.05 2.06 -10.77
C ILE A 147 1.73 1.75 -9.31
N THR A 148 2.77 1.54 -8.50
CA THR A 148 2.66 1.22 -7.06
C THR A 148 3.46 2.25 -6.27
N GLU A 149 2.80 2.96 -5.36
CA GLU A 149 3.46 3.94 -4.46
C GLU A 149 3.71 3.27 -3.12
N VAL A 150 4.97 3.21 -2.69
CA VAL A 150 5.37 2.79 -1.33
C VAL A 150 5.30 4.03 -0.44
N LEU A 151 4.59 3.94 0.68
CA LEU A 151 4.59 4.96 1.77
C LEU A 151 5.24 4.33 3.00
N PHE A 152 6.44 4.78 3.37
CA PHE A 152 7.16 4.32 4.58
C PHE A 152 7.16 5.48 5.58
N PRO A 153 6.36 5.37 6.67
CA PRO A 153 6.31 6.43 7.69
C PRO A 153 7.70 6.67 8.29
N ILE A 154 7.96 7.93 8.68
CA ILE A 154 9.18 8.36 9.41
C ILE A 154 8.76 8.94 10.76
N LYS A 155 9.66 8.88 11.76
CA LYS A 155 9.48 9.51 13.09
C LYS A 155 9.54 11.04 12.91
N GLU A 156 8.60 11.77 13.51
CA GLU A 156 8.49 13.25 13.39
C GLU A 156 9.20 13.91 14.58
C1 GOL B . 20.78 -1.09 4.50
O1 GOL B . 21.00 -0.15 3.44
C2 GOL B . 19.59 -1.98 4.22
O2 GOL B . 19.87 -2.83 3.11
C3 GOL B . 19.17 -2.81 5.41
O3 GOL B . 19.12 -2.05 6.61
NA NA C . 19.14 0.84 -6.47
NA NA D . 4.39 -1.09 -9.82
#